data_7ORH
#
_entry.id   7ORH
#
_cell.length_a   82.428
_cell.length_b   111.483
_cell.length_c   62.261
_cell.angle_alpha   90.000
_cell.angle_beta   90.000
_cell.angle_gamma   90.000
#
_symmetry.space_group_name_H-M   'C 2 2 21'
#
loop_
_entity.id
_entity.type
_entity.pdbx_description
1 polymer '14-3-3 protein sigma'
2 polymer 'Cyclin-dependent kinase inhibitor 1B'
3 non-polymer ~{N}-[(5-carbamimidoyl-3-phenyl-thiophen-2-yl)methyl]-1~{H}-indole-6-carboxamide
4 non-polymer 'MAGNESIUM ION'
5 non-polymer 'CHLORIDE ION'
6 water water
#
loop_
_entity_poly.entity_id
_entity_poly.type
_entity_poly.pdbx_seq_one_letter_code
_entity_poly.pdbx_strand_id
1 'polypeptide(L)'
;GAMGSMERASLIQKAKLAEQAERYEDMAAFMKGAVEKGEELS(CSO)EERNLLSVAYKNVVGGQRAAWRVLSSIEQKSNE
EGSEEKGPEVREYREKVETELQGVCDTVLGLLDSHLIKEAGDAESRVFYLKMKGDYYRYLAEVATGDDKKRIIDSARSAY
QEAMDISKKEMPPTNPIRLGLALNFSVFHYEIANSPEEAISLAKTTFDEAMADLHTLSEDSYKDSTLIMQLLRDNLTLWT
ADNAGEEGGEAPQEPQS
;
A
2 'polypeptide(L)' TPKKPGLRRRQ(TPO) P
#
# COMPACT_ATOMS: atom_id res chain seq x y z
N GLY A 1 -21.50 -9.68 10.07
CA GLY A 1 -20.86 -9.52 11.41
C GLY A 1 -19.37 -9.63 11.34
N ALA A 2 -18.68 -9.11 12.35
CA ALA A 2 -19.31 -8.51 13.52
C ALA A 2 -19.84 -7.12 13.24
N MET A 3 -19.55 -6.58 12.05
CA MET A 3 -20.07 -5.27 11.67
C MET A 3 -21.31 -5.35 10.80
N GLY A 4 -21.82 -6.56 10.57
CA GLY A 4 -22.97 -6.74 9.68
C GLY A 4 -24.24 -6.07 10.15
N SER A 5 -24.39 -5.84 11.45
CA SER A 5 -25.59 -5.22 11.97
C SER A 5 -25.51 -3.69 12.00
N MET A 6 -24.36 -3.09 11.69
CA MET A 6 -24.22 -1.64 11.76
C MET A 6 -24.44 -1.02 10.39
N GLU A 7 -25.12 0.14 10.38
CA GLU A 7 -25.33 0.87 9.15
C GLU A 7 -24.01 1.22 8.46
N ARG A 8 -24.00 1.20 7.13
CA ARG A 8 -22.82 1.60 6.38
C ARG A 8 -22.37 3.00 6.79
N ALA A 9 -23.31 3.95 6.88
CA ALA A 9 -22.91 5.32 7.19
C ALA A 9 -22.32 5.42 8.60
N SER A 10 -22.88 4.65 9.54
CA SER A 10 -22.37 4.66 10.89
C SER A 10 -20.96 4.08 10.94
N LEU A 11 -20.68 3.04 10.15
CA LEU A 11 -19.33 2.49 10.07
C LEU A 11 -18.33 3.53 9.53
N ILE A 12 -18.72 4.28 8.50
CA ILE A 12 -17.84 5.31 7.97
C ILE A 12 -17.59 6.40 9.01
N GLN A 13 -18.67 6.84 9.67
CA GLN A 13 -18.54 7.86 10.70
C GLN A 13 -17.59 7.40 11.81
N LYS A 14 -17.76 6.16 12.27
CA LYS A 14 -16.89 5.63 13.33
C LYS A 14 -15.46 5.40 12.85
N ALA A 15 -15.26 5.05 11.57
CA ALA A 15 -13.89 4.98 11.06
C ALA A 15 -13.19 6.32 11.20
N LYS A 16 -13.89 7.41 10.87
CA LYS A 16 -13.29 8.74 10.99
C LYS A 16 -13.02 9.10 12.44
N LEU A 17 -13.93 8.73 13.35
CA LEU A 17 -13.67 8.92 14.78
C LEU A 17 -12.46 8.13 15.24
N ALA A 18 -12.36 6.86 14.82
CA ALA A 18 -11.21 6.03 15.19
C ALA A 18 -9.90 6.64 14.70
N GLU A 19 -9.89 7.18 13.49
CA GLU A 19 -8.69 7.85 13.00
C GLU A 19 -8.29 9.01 13.92
N GLN A 20 -9.26 9.84 14.31
CA GLN A 20 -8.94 10.95 15.20
C GLN A 20 -8.40 10.47 16.54
N ALA A 21 -8.88 9.31 17.00
CA ALA A 21 -8.43 8.72 18.25
C ALA A 21 -7.17 7.88 18.10
N GLU A 22 -6.63 7.76 16.89
CA GLU A 22 -5.48 6.91 16.59
C GLU A 22 -5.75 5.46 17.01
N ARG A 23 -6.98 5.01 16.76
CA ARG A 23 -7.41 3.63 17.03
C ARG A 23 -7.50 2.93 15.68
N TYR A 24 -6.35 2.53 15.13
CA TYR A 24 -6.34 2.11 13.72
C TYR A 24 -6.89 0.70 13.53
N GLU A 25 -6.71 -0.19 14.51
CA GLU A 25 -7.35 -1.50 14.43
CA GLU A 25 -7.35 -1.50 14.44
C GLU A 25 -8.86 -1.36 14.36
N ASP A 26 -9.43 -0.50 15.20
CA ASP A 26 -10.86 -0.21 15.13
C ASP A 26 -11.21 0.39 13.77
N MET A 27 -10.40 1.33 13.30
CA MET A 27 -10.65 1.96 12.00
C MET A 27 -10.73 0.91 10.91
N ALA A 28 -9.79 -0.03 10.92
CA ALA A 28 -9.76 -1.06 9.89
C ALA A 28 -10.99 -1.97 9.96
N ALA A 29 -11.38 -2.38 11.17
CA ALA A 29 -12.54 -3.23 11.32
C ALA A 29 -13.80 -2.52 10.84
N PHE A 30 -13.92 -1.22 11.13
CA PHE A 30 -15.07 -0.47 10.65
C PHE A 30 -15.06 -0.40 9.12
N MET A 31 -13.89 -0.13 8.51
CA MET A 31 -13.84 -0.02 7.06
C MET A 31 -14.03 -1.38 6.39
N LYS A 32 -13.50 -2.46 7.00
CA LYS A 32 -13.82 -3.81 6.50
C LYS A 32 -15.33 -4.00 6.47
N GLY A 33 -16.00 -3.63 7.56
CA GLY A 33 -17.45 -3.75 7.60
C GLY A 33 -18.12 -2.94 6.50
N ALA A 34 -17.64 -1.71 6.27
CA ALA A 34 -18.24 -0.87 5.23
C ALA A 34 -18.07 -1.51 3.85
N VAL A 35 -16.87 -1.99 3.54
CA VAL A 35 -16.64 -2.67 2.26
C VAL A 35 -17.61 -3.84 2.10
N GLU A 36 -17.77 -4.66 3.14
CA GLU A 36 -18.60 -5.86 3.06
C GLU A 36 -20.09 -5.54 2.90
N LYS A 37 -20.51 -4.28 3.01
CA LYS A 37 -21.87 -3.92 2.62
C LYS A 37 -22.11 -4.10 1.14
N GLY A 38 -21.06 -4.15 0.32
CA GLY A 38 -21.19 -4.49 -1.08
C GLY A 38 -21.33 -3.32 -2.03
N GLU A 39 -21.38 -2.09 -1.53
CA GLU A 39 -21.42 -0.93 -2.39
C GLU A 39 -19.99 -0.45 -2.69
N GLU A 40 -19.81 0.12 -3.87
N GLU A 40 -19.81 0.13 -3.87
CA GLU A 40 -18.51 0.68 -4.20
CA GLU A 40 -18.52 0.70 -4.20
C GLU A 40 -18.15 1.79 -3.19
C GLU A 40 -18.16 1.80 -3.21
N LEU A 41 -16.85 2.05 -3.07
CA LEU A 41 -16.36 3.05 -2.13
C LEU A 41 -16.02 4.35 -2.83
N SER A 42 -16.32 5.46 -2.16
CA SER A 42 -15.97 6.79 -2.67
C SER A 42 -14.47 7.05 -2.53
N GLU A 44 -12.97 9.37 -0.75
CA GLU A 44 -12.66 9.59 0.66
C GLU A 44 -12.66 8.24 1.41
N GLU A 45 -13.62 7.38 1.07
CA GLU A 45 -13.75 6.09 1.74
C GLU A 45 -12.61 5.16 1.38
N ARG A 46 -12.15 5.22 0.13
CA ARG A 46 -10.98 4.44 -0.26
C ARG A 46 -9.77 4.87 0.54
N ASN A 47 -9.63 6.17 0.76
CA ASN A 47 -8.49 6.66 1.55
C ASN A 47 -8.61 6.21 2.99
N LEU A 48 -9.82 6.19 3.55
CA LEU A 48 -9.99 5.70 4.91
C LEU A 48 -9.58 4.23 5.02
N LEU A 49 -9.95 3.42 4.02
CA LEU A 49 -9.58 2.00 4.03
C LEU A 49 -8.06 1.86 4.03
N SER A 50 -7.42 2.60 3.13
CA SER A 50 -5.97 2.48 2.94
C SER A 50 -5.22 2.95 4.18
N VAL A 51 -5.62 4.08 4.76
CA VAL A 51 -4.97 4.61 5.96
C VAL A 51 -5.10 3.63 7.13
N ALA A 52 -6.27 3.04 7.29
CA ALA A 52 -6.48 2.16 8.44
C ALA A 52 -5.55 0.96 8.37
N TYR A 53 -5.54 0.26 7.24
CA TYR A 53 -4.71 -0.94 7.15
C TYR A 53 -3.24 -0.59 7.02
N LYS A 54 -2.90 0.53 6.39
CA LYS A 54 -1.52 1.01 6.38
C LYS A 54 -0.96 1.07 7.78
N ASN A 55 -1.73 1.65 8.71
CA ASN A 55 -1.24 1.82 10.07
C ASN A 55 -1.22 0.52 10.85
N VAL A 56 -2.22 -0.34 10.66
CA VAL A 56 -2.21 -1.64 11.33
C VAL A 56 -1.00 -2.45 10.89
N VAL A 57 -0.85 -2.66 9.58
CA VAL A 57 0.25 -3.47 9.06
C VAL A 57 1.57 -2.77 9.29
N GLY A 58 1.56 -1.44 9.36
CA GLY A 58 2.81 -0.71 9.60
C GLY A 58 3.40 -1.05 10.95
N GLY A 59 2.56 -1.10 11.98
CA GLY A 59 3.02 -1.51 13.29
C GLY A 59 3.52 -2.95 13.32
N GLN A 60 2.83 -3.85 12.63
CA GLN A 60 3.23 -5.24 12.60
C GLN A 60 4.56 -5.40 11.88
N ARG A 61 4.75 -4.70 10.76
CA ARG A 61 6.00 -4.81 10.01
C ARG A 61 7.16 -4.28 10.84
N ALA A 62 6.96 -3.15 11.52
CA ALA A 62 8.01 -2.57 12.36
C ALA A 62 8.37 -3.52 13.49
N ALA A 63 7.36 -4.15 14.10
CA ALA A 63 7.66 -5.16 15.12
C ALA A 63 8.36 -6.37 14.52
N TRP A 64 7.91 -6.84 13.35
CA TRP A 64 8.57 -7.99 12.72
C TRP A 64 10.04 -7.69 12.46
N ARG A 65 10.36 -6.48 11.97
CA ARG A 65 11.75 -6.17 11.69
C ARG A 65 12.59 -6.17 12.97
N VAL A 66 12.07 -5.62 14.05
CA VAL A 66 12.78 -5.67 15.32
C VAL A 66 13.09 -7.11 15.70
N LEU A 67 12.06 -7.97 15.67
CA LEU A 67 12.24 -9.35 16.13
C LEU A 67 13.14 -10.14 15.18
N SER A 68 13.00 -9.91 13.86
CA SER A 68 13.84 -10.61 12.90
CA SER A 68 13.85 -10.62 12.90
C SER A 68 15.31 -10.27 13.10
N SER A 69 15.59 -9.00 13.40
CA SER A 69 16.96 -8.58 13.68
C SER A 69 17.50 -9.28 14.92
N ILE A 70 16.69 -9.35 15.98
CA ILE A 70 17.11 -10.07 17.18
C ILE A 70 17.36 -11.54 16.86
N GLU A 71 16.45 -12.15 16.09
CA GLU A 71 16.58 -13.55 15.73
C GLU A 71 17.86 -13.78 14.94
N GLN A 72 18.18 -12.88 14.01
CA GLN A 72 19.39 -13.03 13.21
C GLN A 72 20.63 -12.99 14.10
N LYS A 73 20.68 -12.06 15.05
CA LYS A 73 21.83 -12.00 15.95
C LYS A 73 21.94 -13.27 16.79
N SER A 74 20.81 -13.80 17.26
CA SER A 74 20.82 -15.02 18.05
C SER A 74 21.31 -16.22 17.27
N ASN A 75 21.44 -16.09 15.96
CA ASN A 75 21.93 -17.18 15.11
C ASN A 75 23.31 -16.85 14.56
N GLY A 83 17.16 -20.73 23.06
CA GLY A 83 15.84 -21.34 23.07
C GLY A 83 14.99 -20.92 21.91
N PRO A 84 13.77 -21.45 21.83
CA PRO A 84 12.89 -21.19 20.68
C PRO A 84 12.07 -19.91 20.80
N GLU A 85 12.24 -19.12 21.85
CA GLU A 85 11.28 -18.07 22.12
C GLU A 85 11.33 -16.96 21.09
N VAL A 86 12.52 -16.57 20.64
CA VAL A 86 12.61 -15.48 19.66
C VAL A 86 11.94 -15.89 18.36
N ARG A 87 12.25 -17.09 17.85
CA ARG A 87 11.61 -17.56 16.63
C ARG A 87 10.11 -17.68 16.83
N GLU A 88 9.67 -18.25 17.96
CA GLU A 88 8.25 -18.42 18.19
C GLU A 88 7.51 -17.08 18.12
N TYR A 89 8.06 -16.06 18.78
CA TYR A 89 7.36 -14.79 18.86
C TYR A 89 7.42 -14.03 17.54
N ARG A 90 8.55 -14.11 16.84
CA ARG A 90 8.61 -13.59 15.46
C ARG A 90 7.56 -14.26 14.59
N GLU A 91 7.44 -15.59 14.68
CA GLU A 91 6.41 -16.31 13.93
C GLU A 91 5.02 -15.83 14.30
N LYS A 92 4.77 -15.56 15.59
CA LYS A 92 3.45 -15.10 16.02
C LYS A 92 3.10 -13.79 15.31
N VAL A 93 4.02 -12.83 15.35
CA VAL A 93 3.79 -11.53 14.72
C VAL A 93 3.66 -11.70 13.22
N GLU A 94 4.54 -12.51 12.61
CA GLU A 94 4.48 -12.77 11.18
C GLU A 94 3.12 -13.33 10.76
N THR A 95 2.63 -14.31 11.52
CA THR A 95 1.35 -14.92 11.20
C THR A 95 0.22 -13.90 11.30
N GLU A 96 0.26 -13.04 12.32
CA GLU A 96 -0.78 -12.02 12.44
CA GLU A 96 -0.77 -12.01 12.45
C GLU A 96 -0.69 -11.02 11.30
N LEU A 97 0.53 -10.65 10.92
CA LEU A 97 0.76 -9.79 9.76
C LEU A 97 0.20 -10.41 8.49
N GLN A 98 0.52 -11.69 8.24
CA GLN A 98 0.00 -12.35 7.05
C GLN A 98 -1.51 -12.40 7.07
N GLY A 99 -2.12 -12.54 8.23
CA GLY A 99 -3.57 -12.55 8.30
C GLY A 99 -4.18 -11.23 7.87
N VAL A 100 -3.58 -10.12 8.29
CA VAL A 100 -4.06 -8.80 7.89
C VAL A 100 -3.93 -8.63 6.37
N CYS A 101 -2.77 -9.01 5.82
CA CYS A 101 -2.58 -8.91 4.38
C CYS A 101 -3.60 -9.75 3.65
N ASP A 102 -3.86 -10.99 4.12
CA ASP A 102 -4.87 -11.85 3.50
C ASP A 102 -6.25 -11.23 3.55
N THR A 103 -6.58 -10.57 4.66
CA THR A 103 -7.89 -9.93 4.78
C THR A 103 -8.04 -8.82 3.76
N VAL A 104 -7.02 -7.98 3.61
CA VAL A 104 -7.10 -6.87 2.67
C VAL A 104 -7.22 -7.40 1.24
N LEU A 105 -6.35 -8.34 0.89
CA LEU A 105 -6.40 -8.94 -0.44
C LEU A 105 -7.74 -9.60 -0.69
N GLY A 106 -8.35 -10.18 0.35
CA GLY A 106 -9.68 -10.74 0.21
C GLY A 106 -10.75 -9.70 -0.07
N LEU A 107 -10.65 -8.51 0.54
CA LEU A 107 -11.59 -7.44 0.23
C LEU A 107 -11.40 -6.94 -1.21
N LEU A 108 -10.15 -6.80 -1.64
CA LEU A 108 -9.90 -6.38 -3.02
C LEU A 108 -10.44 -7.40 -4.01
N ASP A 109 -10.24 -8.68 -3.75
CA ASP A 109 -10.69 -9.72 -4.67
C ASP A 109 -12.20 -10.02 -4.56
N SER A 110 -12.83 -9.63 -3.48
CA SER A 110 -14.25 -9.89 -3.26
C SER A 110 -14.93 -8.67 -2.62
N HIS A 111 -15.27 -7.65 -3.41
CA HIS A 111 -15.18 -7.62 -4.85
C HIS A 111 -14.80 -6.23 -5.33
N LEU A 112 -13.94 -5.55 -4.59
CA LEU A 112 -13.64 -4.16 -4.90
C LEU A 112 -13.08 -4.00 -6.31
N ILE A 113 -12.13 -4.85 -6.71
CA ILE A 113 -11.44 -4.63 -7.97
C ILE A 113 -12.40 -4.85 -9.14
N LYS A 114 -13.14 -5.96 -9.13
CA LYS A 114 -13.96 -6.27 -10.30
C LYS A 114 -15.09 -5.27 -10.46
N GLU A 115 -15.52 -4.63 -9.37
CA GLU A 115 -16.58 -3.63 -9.44
C GLU A 115 -16.06 -2.21 -9.67
N ALA A 116 -14.75 -2.04 -9.81
CA ALA A 116 -14.15 -0.72 -9.98
C ALA A 116 -14.16 -0.38 -11.47
N GLY A 117 -15.18 0.36 -11.89
CA GLY A 117 -15.33 0.72 -13.29
C GLY A 117 -14.96 2.17 -13.57
N ASP A 118 -13.89 2.63 -12.94
CA ASP A 118 -13.24 3.90 -13.23
C ASP A 118 -11.75 3.68 -13.08
N ALA A 119 -10.96 4.40 -13.90
CA ALA A 119 -9.51 4.31 -13.78
C ALA A 119 -9.03 4.68 -12.39
N GLU A 120 -9.57 5.76 -11.82
CA GLU A 120 -9.14 6.21 -10.50
C GLU A 120 -9.37 5.13 -9.45
N SER A 121 -10.55 4.50 -9.45
CA SER A 121 -10.82 3.47 -8.46
CA SER A 121 -10.84 3.46 -8.47
C SER A 121 -10.02 2.20 -8.75
N ARG A 122 -9.96 1.79 -10.03
CA ARG A 122 -9.25 0.56 -10.34
C ARG A 122 -7.76 0.66 -10.02
N VAL A 123 -7.15 1.80 -10.36
CA VAL A 123 -5.74 2.02 -10.08
C VAL A 123 -5.50 1.99 -8.57
N PHE A 124 -6.37 2.66 -7.80
CA PHE A 124 -6.24 2.68 -6.35
C PHE A 124 -6.18 1.26 -5.80
N TYR A 125 -7.11 0.42 -6.22
CA TYR A 125 -7.21 -0.92 -5.65
C TYR A 125 -6.08 -1.81 -6.13
N LEU A 126 -5.66 -1.68 -7.40
CA LEU A 126 -4.54 -2.48 -7.87
C LEU A 126 -3.23 -2.10 -7.17
N LYS A 127 -3.04 -0.81 -6.89
CA LYS A 127 -1.91 -0.39 -6.07
C LYS A 127 -1.93 -1.06 -4.70
N MET A 128 -3.09 -1.04 -4.04
CA MET A 128 -3.23 -1.73 -2.75
C MET A 128 -2.87 -3.19 -2.88
N LYS A 129 -3.35 -3.86 -3.94
CA LYS A 129 -3.05 -5.28 -4.13
C LYS A 129 -1.56 -5.49 -4.23
N GLY A 130 -0.85 -4.63 -4.96
CA GLY A 130 0.59 -4.73 -5.02
C GLY A 130 1.27 -4.49 -3.69
N ASP A 131 0.77 -3.52 -2.93
CA ASP A 131 1.33 -3.22 -1.62
C ASP A 131 1.21 -4.43 -0.69
N TYR A 132 0.03 -5.06 -0.62
CA TYR A 132 -0.16 -6.13 0.37
C TYR A 132 0.48 -7.45 -0.06
N TYR A 133 0.60 -7.69 -1.37
CA TYR A 133 1.49 -8.78 -1.77
C TYR A 133 2.95 -8.43 -1.46
N ARG A 134 3.36 -7.16 -1.63
CA ARG A 134 4.72 -6.79 -1.23
C ARG A 134 4.97 -7.03 0.26
N TYR A 135 4.02 -6.67 1.13
CA TYR A 135 4.22 -6.93 2.55
C TYR A 135 4.32 -8.42 2.84
N LEU A 136 3.52 -9.24 2.13
CA LEU A 136 3.71 -10.68 2.22
C LEU A 136 5.11 -11.07 1.77
N ALA A 137 5.60 -10.45 0.70
CA ALA A 137 6.92 -10.85 0.19
C ALA A 137 8.03 -10.51 1.17
N GLU A 138 7.86 -9.45 1.96
CA GLU A 138 8.88 -9.04 2.91
C GLU A 138 9.18 -10.14 3.92
N VAL A 139 8.21 -10.98 4.25
CA VAL A 139 8.39 -12.03 5.25
C VAL A 139 8.42 -13.43 4.62
N ALA A 140 8.29 -13.54 3.31
CA ALA A 140 8.18 -14.84 2.67
C ALA A 140 9.55 -15.48 2.51
N THR A 141 9.58 -16.80 2.63
CA THR A 141 10.83 -17.54 2.52
C THR A 141 10.69 -18.89 1.83
N GLY A 142 9.49 -19.41 1.64
CA GLY A 142 9.28 -20.76 1.19
C GLY A 142 8.94 -20.86 -0.30
N ASP A 143 8.26 -21.96 -0.63
CA ASP A 143 8.05 -22.33 -2.03
C ASP A 143 7.18 -21.35 -2.80
N ASP A 144 6.55 -20.39 -2.14
CA ASP A 144 5.64 -19.48 -2.81
C ASP A 144 6.13 -18.04 -2.79
N LYS A 145 7.35 -17.78 -2.33
CA LYS A 145 7.87 -16.43 -2.37
C LYS A 145 7.88 -15.89 -3.80
N LYS A 146 8.31 -16.71 -4.76
CA LYS A 146 8.38 -16.22 -6.13
C LYS A 146 6.99 -15.91 -6.66
N ARG A 147 6.00 -16.74 -6.36
CA ARG A 147 4.64 -16.46 -6.81
C ARG A 147 4.10 -15.22 -6.13
N ILE A 148 4.40 -15.04 -4.84
CA ILE A 148 3.98 -13.83 -4.13
C ILE A 148 4.58 -12.60 -4.80
N ILE A 149 5.87 -12.64 -5.09
CA ILE A 149 6.55 -11.51 -5.72
C ILE A 149 5.93 -11.21 -7.09
N ASP A 150 5.65 -12.24 -7.88
CA ASP A 150 5.05 -11.99 -9.19
C ASP A 150 3.63 -11.43 -9.08
N SER A 151 2.90 -11.82 -8.04
CA SER A 151 1.57 -11.27 -7.85
C SER A 151 1.65 -9.79 -7.53
N ALA A 152 2.65 -9.37 -6.75
CA ALA A 152 2.84 -7.94 -6.53
C ALA A 152 3.21 -7.22 -7.82
N ARG A 153 4.19 -7.75 -8.54
CA ARG A 153 4.62 -7.16 -9.81
CA ARG A 153 4.62 -7.15 -9.81
C ARG A 153 3.44 -6.99 -10.75
N SER A 154 2.64 -8.05 -10.89
CA SER A 154 1.54 -8.04 -11.85
C SER A 154 0.52 -6.96 -11.50
N ALA A 155 0.17 -6.87 -10.22
CA ALA A 155 -0.81 -5.87 -9.78
C ALA A 155 -0.27 -4.48 -10.00
N TYR A 156 0.98 -4.24 -9.58
CA TYR A 156 1.60 -2.94 -9.80
C TYR A 156 1.65 -2.59 -11.28
N GLN A 157 2.03 -3.56 -12.12
CA GLN A 157 2.20 -3.29 -13.54
C GLN A 157 0.88 -2.92 -14.19
N GLU A 158 -0.20 -3.64 -13.87
CA GLU A 158 -1.50 -3.29 -14.46
C GLU A 158 -1.94 -1.90 -14.00
N ALA A 159 -1.67 -1.56 -12.74
CA ALA A 159 -1.99 -0.23 -12.24
C ALA A 159 -1.20 0.83 -12.99
N MET A 160 0.09 0.57 -13.23
CA MET A 160 0.90 1.52 -13.98
C MET A 160 0.37 1.71 -15.39
N ASP A 161 0.01 0.60 -16.05
CA ASP A 161 -0.49 0.69 -17.43
C ASP A 161 -1.74 1.56 -17.49
N ILE A 162 -2.68 1.36 -16.55
CA ILE A 162 -3.91 2.13 -16.55
C ILE A 162 -3.63 3.59 -16.21
N SER A 163 -2.80 3.82 -15.17
CA SER A 163 -2.55 5.19 -14.71
C SER A 163 -1.87 6.01 -15.80
N LYS A 164 -0.96 5.39 -16.56
CA LYS A 164 -0.28 6.11 -17.63
C LYS A 164 -1.26 6.50 -18.72
N LYS A 165 -2.23 5.65 -19.02
CA LYS A 165 -3.20 5.93 -20.06
C LYS A 165 -4.25 6.95 -19.64
N GLU A 166 -4.67 6.91 -18.37
CA GLU A 166 -5.89 7.58 -17.95
C GLU A 166 -5.69 8.69 -16.93
N MET A 167 -4.48 8.89 -16.41
CA MET A 167 -4.24 9.85 -15.34
CA MET A 167 -4.29 9.89 -15.38
C MET A 167 -3.09 10.77 -15.72
N PRO A 168 -3.12 12.03 -15.32
CA PRO A 168 -1.96 12.91 -15.56
C PRO A 168 -0.77 12.49 -14.73
N PRO A 169 0.44 12.84 -15.16
CA PRO A 169 1.64 12.40 -14.43
C PRO A 169 1.78 12.98 -13.05
N THR A 170 0.99 13.98 -12.69
CA THR A 170 1.04 14.55 -11.36
C THR A 170 -0.02 14.00 -10.41
N ASN A 171 -0.87 13.10 -10.88
CA ASN A 171 -1.92 12.57 -10.03
C ASN A 171 -1.33 11.90 -8.80
N PRO A 172 -1.78 12.25 -7.59
CA PRO A 172 -1.11 11.74 -6.39
C PRO A 172 -1.18 10.23 -6.22
N ILE A 173 -2.25 9.60 -6.71
CA ILE A 173 -2.32 8.15 -6.64
C ILE A 173 -1.34 7.53 -7.62
N ARG A 174 -1.21 8.10 -8.82
CA ARG A 174 -0.21 7.64 -9.77
C ARG A 174 1.20 7.80 -9.21
N LEU A 175 1.48 8.92 -8.56
CA LEU A 175 2.79 9.15 -7.97
C LEU A 175 3.09 8.19 -6.82
N GLY A 176 2.10 7.96 -5.94
CA GLY A 176 2.31 7.03 -4.85
C GLY A 176 2.47 5.60 -5.34
N LEU A 177 1.74 5.25 -6.40
CA LEU A 177 1.92 3.96 -7.04
C LEU A 177 3.34 3.79 -7.53
N ALA A 178 3.84 4.79 -8.27
CA ALA A 178 5.19 4.70 -8.82
C ALA A 178 6.25 4.65 -7.72
N LEU A 179 6.09 5.47 -6.69
CA LEU A 179 6.99 5.40 -5.55
C LEU A 179 7.07 3.99 -4.99
N ASN A 180 5.92 3.35 -4.74
CA ASN A 180 5.92 2.02 -4.13
C ASN A 180 6.41 0.94 -5.08
N PHE A 181 6.07 1.03 -6.38
CA PHE A 181 6.58 0.06 -7.35
C PHE A 181 8.10 0.18 -7.43
N SER A 182 8.61 1.40 -7.31
CA SER A 182 10.05 1.60 -7.34
C SER A 182 10.71 0.95 -6.14
N VAL A 183 10.11 1.09 -4.94
CA VAL A 183 10.64 0.41 -3.75
C VAL A 183 10.52 -1.11 -3.88
N PHE A 184 9.42 -1.60 -4.44
CA PHE A 184 9.33 -3.00 -4.80
C PHE A 184 10.56 -3.44 -5.59
N HIS A 185 10.86 -2.72 -6.68
CA HIS A 185 11.99 -3.11 -7.51
C HIS A 185 13.27 -3.12 -6.69
N TYR A 186 13.48 -2.08 -5.87
CA TYR A 186 14.76 -1.93 -5.19
C TYR A 186 15.00 -3.07 -4.19
N GLU A 187 14.04 -3.34 -3.33
CA GLU A 187 14.32 -4.20 -2.18
C GLU A 187 13.58 -5.53 -2.19
N ILE A 188 12.64 -5.74 -3.09
CA ILE A 188 11.96 -7.03 -3.21
C ILE A 188 12.45 -7.80 -4.42
N ALA A 189 12.49 -7.13 -5.57
CA ALA A 189 12.87 -7.78 -6.82
C ALA A 189 14.37 -7.74 -7.08
N ASN A 190 15.13 -7.10 -6.21
CA ASN A 190 16.58 -6.96 -6.40
C ASN A 190 16.89 -6.36 -7.78
N SER A 191 16.18 -5.28 -8.11
CA SER A 191 16.32 -4.58 -9.38
C SER A 191 16.53 -3.10 -9.10
N PRO A 192 17.64 -2.75 -8.46
CA PRO A 192 17.83 -1.35 -8.04
C PRO A 192 17.92 -0.37 -9.21
N GLU A 193 18.37 -0.82 -10.38
CA GLU A 193 18.43 0.10 -11.50
C GLU A 193 17.03 0.37 -12.04
N GLU A 194 16.18 -0.65 -12.10
CA GLU A 194 14.78 -0.41 -12.43
C GLU A 194 14.16 0.56 -11.44
N ALA A 195 14.46 0.39 -10.15
CA ALA A 195 13.90 1.26 -9.13
C ALA A 195 14.33 2.70 -9.33
N ILE A 196 15.61 2.92 -9.59
CA ILE A 196 16.12 4.26 -9.81
C ILE A 196 15.55 4.86 -11.09
N SER A 197 15.53 4.10 -12.17
CA SER A 197 14.97 4.60 -13.41
CA SER A 197 14.97 4.60 -13.41
C SER A 197 13.52 5.02 -13.25
N LEU A 198 12.71 4.18 -12.60
CA LEU A 198 11.31 4.52 -12.43
C LEU A 198 11.13 5.77 -11.57
N ALA A 199 11.88 5.87 -10.47
CA ALA A 199 11.74 7.04 -9.61
C ALA A 199 12.10 8.31 -10.37
N LYS A 200 13.16 8.26 -11.17
CA LYS A 200 13.63 9.46 -11.88
C LYS A 200 12.66 9.87 -12.97
N THR A 201 12.21 8.92 -13.80
CA THR A 201 11.25 9.24 -14.86
CA THR A 201 11.28 9.27 -14.86
C THR A 201 9.94 9.75 -14.29
N THR A 202 9.47 9.15 -13.20
CA THR A 202 8.24 9.63 -12.57
C THR A 202 8.41 11.05 -12.06
N PHE A 203 9.54 11.33 -11.41
CA PHE A 203 9.78 12.67 -10.90
C PHE A 203 9.81 13.71 -12.03
N ASP A 204 10.57 13.43 -13.09
CA ASP A 204 10.75 14.40 -14.17
C ASP A 204 9.44 14.65 -14.91
N GLU A 205 8.65 13.60 -15.18
CA GLU A 205 7.40 13.80 -15.88
C GLU A 205 6.37 14.54 -15.02
N ALA A 206 6.39 14.34 -13.70
CA ALA A 206 5.54 15.16 -12.85
C ALA A 206 6.01 16.62 -12.82
N MET A 207 7.31 16.85 -12.68
CA MET A 207 7.81 18.23 -12.70
C MET A 207 7.33 18.99 -13.94
N ALA A 208 7.37 18.35 -15.10
CA ALA A 208 7.00 19.00 -16.35
C ALA A 208 5.50 19.25 -16.48
N ASP A 209 4.69 18.64 -15.62
CA ASP A 209 3.24 18.83 -15.61
C ASP A 209 2.76 19.77 -14.49
N LEU A 210 3.65 20.21 -13.60
CA LEU A 210 3.21 21.04 -12.48
C LEU A 210 2.57 22.35 -12.94
N HIS A 211 3.01 22.87 -14.09
CA HIS A 211 2.49 24.16 -14.56
C HIS A 211 0.99 24.13 -14.82
N THR A 212 0.38 22.93 -14.94
CA THR A 212 -1.04 22.83 -15.21
C THR A 212 -1.91 22.89 -13.97
N LEU A 213 -1.31 22.90 -12.78
CA LEU A 213 -2.01 22.63 -11.54
C LEU A 213 -2.37 23.89 -10.78
N SER A 214 -3.46 23.81 -10.03
CA SER A 214 -3.82 24.78 -9.01
C SER A 214 -2.81 24.74 -7.87
N GLU A 215 -2.88 25.75 -7.00
CA GLU A 215 -1.98 25.80 -5.85
C GLU A 215 -2.16 24.59 -4.96
N ASP A 216 -3.40 24.14 -4.78
CA ASP A 216 -3.64 23.01 -3.89
C ASP A 216 -3.20 21.68 -4.52
N SER A 217 -3.50 21.47 -5.79
CA SER A 217 -3.00 20.28 -6.46
C SER A 217 -1.48 20.28 -6.51
N TYR A 218 -0.89 21.46 -6.71
CA TYR A 218 0.57 21.59 -6.70
CA TYR A 218 0.57 21.61 -6.70
C TYR A 218 1.16 21.10 -5.38
N LYS A 219 0.53 21.47 -4.25
CA LYS A 219 1.02 20.99 -2.96
C LYS A 219 0.91 19.47 -2.86
N ASP A 220 -0.22 18.90 -3.26
CA ASP A 220 -0.39 17.45 -3.21
C ASP A 220 0.69 16.74 -4.01
N SER A 221 0.96 17.22 -5.22
CA SER A 221 1.89 16.53 -6.10
C SER A 221 3.34 16.69 -5.63
N THR A 222 3.73 17.90 -5.25
CA THR A 222 5.11 18.10 -4.84
C THR A 222 5.43 17.37 -3.55
N LEU A 223 4.43 17.19 -2.68
CA LEU A 223 4.65 16.38 -1.47
C LEU A 223 5.17 14.99 -1.82
N ILE A 224 4.54 14.34 -2.79
CA ILE A 224 4.94 12.98 -3.14
C ILE A 224 6.20 13.00 -3.99
N MET A 225 6.37 14.05 -4.81
CA MET A 225 7.62 14.17 -5.56
C MET A 225 8.82 14.20 -4.62
N GLN A 226 8.66 14.83 -3.45
CA GLN A 226 9.76 14.90 -2.50
C GLN A 226 10.11 13.51 -1.97
N LEU A 227 9.12 12.62 -1.84
CA LEU A 227 9.43 11.25 -1.42
C LEU A 227 10.24 10.52 -2.49
N LEU A 228 9.89 10.72 -3.77
CA LEU A 228 10.70 10.15 -4.85
C LEU A 228 12.14 10.68 -4.80
N ARG A 229 12.29 11.99 -4.59
CA ARG A 229 13.63 12.57 -4.49
C ARG A 229 14.39 12.02 -3.29
N ASP A 230 13.70 11.85 -2.15
CA ASP A 230 14.35 11.29 -0.97
C ASP A 230 14.93 9.92 -1.29
N ASN A 231 14.16 9.08 -1.99
CA ASN A 231 14.65 7.74 -2.30
C ASN A 231 15.82 7.79 -3.27
N LEU A 232 15.72 8.63 -4.30
CA LEU A 232 16.83 8.77 -5.23
C LEU A 232 18.11 9.23 -4.52
N THR A 233 17.98 10.16 -3.58
CA THR A 233 19.12 10.62 -2.80
C THR A 233 19.71 9.48 -1.96
N LEU A 234 18.86 8.62 -1.43
CA LEU A 234 19.34 7.50 -0.63
C LEU A 234 20.02 6.46 -1.51
N TRP A 235 19.55 6.27 -2.74
CA TRP A 235 19.99 5.17 -3.57
C TRP A 235 21.13 5.51 -4.51
N THR A 236 21.44 6.79 -4.68
CA THR A 236 22.49 7.18 -5.62
C THR A 236 23.55 8.05 -4.95
N ARG B 8 18.79 6.83 6.82
CA ARG B 8 17.35 6.97 6.71
C ARG B 8 16.73 5.74 6.02
N ARG B 9 15.47 5.46 6.33
CA ARG B 9 14.73 4.38 5.68
C ARG B 9 14.02 4.92 4.44
N ARG B 10 14.10 4.16 3.34
CA ARG B 10 13.40 4.55 2.11
C ARG B 10 11.93 4.81 2.44
N GLN B 11 11.27 5.62 1.62
CA GLN B 11 9.89 5.96 1.92
C GLN B 11 8.89 5.35 0.97
#